data_1MQV
#
_entry.id   1MQV
#
_cell.length_a   33.839
_cell.length_b   62.085
_cell.length_c   113.419
_cell.angle_alpha   90.00
_cell.angle_beta   90.00
_cell.angle_gamma   90.00
#
_symmetry.space_group_name_H-M   'P 21 21 21'
#
loop_
_entity.id
_entity.type
_entity.pdbx_description
1 polymer "CYTOCHROME C'"
2 non-polymer 'HEME C'
3 water water
#
_entity_poly.entity_id   1
_entity_poly.type   'polypeptide(L)'
_entity_poly.pdbx_seq_one_letter_code
;ATDVIAQRKAILKQMGEATKPIAAMLKGEAKWDQAVVQKSLAAIADDSKKLPALFPADSKTGGDTAALPKIFEDKAKFDD
LFAKLAAAATAAQGTIKDEASLKANIGGVLGNCKSCHDDFRAKKS
;
_entity_poly.pdbx_strand_id   A,B
#
loop_
_chem_comp.id
_chem_comp.type
_chem_comp.name
_chem_comp.formula
HEC non-polymer 'HEME C' 'C34 H34 Fe N4 O4'
#
# COMPACT_ATOMS: atom_id res chain seq x y z
N ALA A 1 7.59 -7.16 -12.14
CA ALA A 1 7.55 -7.66 -10.73
C ALA A 1 8.96 -7.96 -10.18
N THR A 2 9.08 -7.96 -8.85
CA THR A 2 10.36 -8.23 -8.20
C THR A 2 10.10 -9.04 -6.93
N ASP A 3 11.15 -9.29 -6.15
CA ASP A 3 11.03 -10.09 -4.93
C ASP A 3 10.25 -9.40 -3.82
N VAL A 4 8.93 -9.33 -3.99
CA VAL A 4 8.06 -8.73 -2.99
C VAL A 4 8.08 -9.54 -1.71
N ILE A 5 8.40 -10.83 -1.81
CA ILE A 5 8.42 -11.67 -0.60
C ILE A 5 9.59 -11.19 0.23
N ALA A 6 10.70 -10.85 -0.41
CA ALA A 6 11.83 -10.38 0.37
C ALA A 6 11.52 -8.99 0.90
N GLN A 7 10.82 -8.17 0.12
CA GLN A 7 10.52 -6.83 0.58
C GLN A 7 9.63 -6.83 1.80
N ARG A 8 8.56 -7.60 1.72
CA ARG A 8 7.59 -7.61 2.82
C ARG A 8 8.16 -8.26 4.08
N LYS A 9 9.02 -9.27 3.94
CA LYS A 9 9.60 -9.86 5.14
C LYS A 9 10.52 -8.87 5.83
N ALA A 10 11.18 -8.02 5.05
CA ALA A 10 12.10 -7.03 5.61
C ALA A 10 11.29 -5.99 6.41
N ILE A 11 10.16 -5.59 5.85
CA ILE A 11 9.31 -4.60 6.54
C ILE A 11 8.68 -5.23 7.80
N LEU A 12 8.24 -6.48 7.73
CA LEU A 12 7.63 -7.12 8.91
C LEU A 12 8.68 -7.39 9.95
N LYS A 13 9.92 -7.64 9.53
CA LYS A 13 11.00 -7.85 10.50
C LYS A 13 11.19 -6.54 11.26
N GLN A 14 11.16 -5.42 10.54
CA GLN A 14 11.29 -4.09 11.19
C GLN A 14 10.12 -3.90 12.17
N MET A 15 8.91 -4.32 11.77
CA MET A 15 7.76 -4.15 12.66
C MET A 15 8.03 -4.92 13.94
N GLY A 16 8.53 -6.15 13.80
CA GLY A 16 8.87 -6.96 14.97
C GLY A 16 9.87 -6.23 15.86
N GLU A 17 10.96 -5.69 15.27
CA GLU A 17 11.94 -4.96 16.05
C GLU A 17 11.34 -3.72 16.74
N ALA A 18 10.39 -3.05 16.09
CA ALA A 18 9.78 -1.86 16.74
C ALA A 18 9.03 -2.23 18.00
N THR A 19 8.54 -3.46 18.11
CA THR A 19 7.82 -3.83 19.33
C THR A 19 8.77 -4.18 20.46
N LYS A 20 10.02 -4.49 20.16
CA LYS A 20 10.94 -4.86 21.22
C LYS A 20 11.11 -3.84 22.39
N PRO A 21 11.39 -2.56 22.11
CA PRO A 21 11.54 -1.63 23.23
C PRO A 21 10.24 -1.48 24.02
N ILE A 22 9.11 -1.59 23.32
CA ILE A 22 7.82 -1.49 24.03
C ILE A 22 7.67 -2.68 24.97
N ALA A 23 7.98 -3.88 24.50
CA ALA A 23 7.89 -5.04 25.35
C ALA A 23 8.85 -4.88 26.53
N ALA A 24 10.02 -4.32 26.31
CA ALA A 24 10.99 -4.15 27.41
C ALA A 24 10.47 -3.20 28.49
N MET A 25 9.77 -2.16 28.06
CA MET A 25 9.18 -1.25 29.03
C MET A 25 8.07 -1.95 29.79
N LEU A 26 7.21 -2.69 29.08
CA LEU A 26 6.10 -3.38 29.74
C LEU A 26 6.65 -4.36 30.77
N LYS A 27 7.78 -4.98 30.47
CA LYS A 27 8.42 -5.93 31.40
C LYS A 27 9.13 -5.25 32.58
N GLY A 28 9.36 -3.95 32.47
CA GLY A 28 10.06 -3.26 33.54
C GLY A 28 11.58 -3.38 33.40
N GLU A 29 12.01 -3.85 32.25
CA GLU A 29 13.43 -4.06 31.98
C GLU A 29 14.07 -2.89 31.24
N ALA A 30 13.28 -1.88 30.92
CA ALA A 30 13.76 -0.66 30.26
C ALA A 30 12.87 0.43 30.78
N LYS A 31 13.42 1.60 31.02
CA LYS A 31 12.65 2.73 31.54
C LYS A 31 11.79 3.35 30.44
N TRP A 32 10.66 3.92 30.83
CA TRP A 32 9.77 4.60 29.90
C TRP A 32 10.57 5.67 29.13
N ASP A 33 10.28 5.82 27.84
CA ASP A 33 10.95 6.80 27.01
C ASP A 33 9.90 7.17 25.98
N GLN A 34 9.27 8.34 26.13
CA GLN A 34 8.18 8.70 25.22
C GLN A 34 8.59 8.72 23.74
N ALA A 35 9.79 9.22 23.48
CA ALA A 35 10.30 9.31 22.12
C ALA A 35 10.46 7.92 21.47
N VAL A 36 11.00 6.96 22.22
CA VAL A 36 11.18 5.60 21.70
C VAL A 36 9.83 4.99 21.35
N VAL A 37 8.83 5.22 22.19
CA VAL A 37 7.49 4.68 21.96
C VAL A 37 6.87 5.32 20.73
N GLN A 38 6.99 6.64 20.60
CA GLN A 38 6.46 7.35 19.43
C GLN A 38 7.14 6.84 18.16
N LYS A 39 8.44 6.60 18.25
CA LYS A 39 9.19 6.11 17.08
C LYS A 39 8.67 4.71 16.64
N SER A 40 8.46 3.82 17.61
CA SER A 40 7.95 2.48 17.33
C SER A 40 6.55 2.53 16.78
N LEU A 41 5.66 3.36 17.35
CA LEU A 41 4.32 3.40 16.83
C LEU A 41 4.29 3.96 15.41
N ALA A 42 5.15 4.93 15.14
CA ALA A 42 5.17 5.54 13.82
C ALA A 42 5.64 4.49 12.81
N ALA A 43 6.61 3.68 13.19
CA ALA A 43 7.12 2.65 12.27
C ALA A 43 6.05 1.62 11.98
N ILE A 44 5.36 1.20 13.03
CA ILE A 44 4.27 0.23 12.87
C ILE A 44 3.23 0.82 11.91
N ALA A 45 2.86 2.09 12.10
CA ALA A 45 1.84 2.69 11.22
C ALA A 45 2.31 2.80 9.79
N ASP A 46 3.54 3.29 9.59
CA ASP A 46 4.09 3.40 8.24
C ASP A 46 4.23 2.03 7.54
N ASP A 47 4.70 1.02 8.26
CA ASP A 47 4.88 -0.33 7.68
C ASP A 47 3.54 -0.88 7.27
N SER A 48 2.52 -0.63 8.09
CA SER A 48 1.18 -1.14 7.79
C SER A 48 0.55 -0.45 6.57
N LYS A 49 1.05 0.72 6.20
CA LYS A 49 0.50 1.40 5.04
C LYS A 49 1.23 0.94 3.77
N LYS A 50 2.40 0.36 3.96
CA LYS A 50 3.18 -0.13 2.83
C LYS A 50 2.85 -1.57 2.49
N LEU A 51 2.61 -2.41 3.52
CA LEU A 51 2.35 -3.83 3.31
C LEU A 51 1.21 -4.26 2.36
N PRO A 52 0.09 -3.49 2.28
CA PRO A 52 -1.02 -3.86 1.39
C PRO A 52 -0.63 -4.01 -0.06
N ALA A 53 0.44 -3.34 -0.47
CA ALA A 53 0.85 -3.41 -1.85
C ALA A 53 1.86 -4.55 -2.13
N LEU A 54 2.17 -5.35 -1.12
CA LEU A 54 3.18 -6.42 -1.31
C LEU A 54 2.77 -7.89 -1.24
N PHE A 55 1.47 -8.18 -1.40
CA PHE A 55 1.00 -9.56 -1.37
C PHE A 55 0.23 -9.90 -2.65
N PRO A 56 0.94 -9.99 -3.79
CA PRO A 56 0.25 -10.31 -5.06
C PRO A 56 -0.05 -11.81 -5.19
N ALA A 57 -1.15 -12.15 -5.85
CA ALA A 57 -1.48 -13.57 -6.03
C ALA A 57 -0.37 -14.33 -6.81
N ASP A 58 0.38 -13.66 -7.68
CA ASP A 58 1.43 -14.36 -8.42
C ASP A 58 2.63 -14.74 -7.53
N SER A 59 2.51 -14.45 -6.24
CA SER A 59 3.59 -14.81 -5.35
C SER A 59 3.09 -15.88 -4.38
N LYS A 60 1.89 -16.42 -4.64
CA LYS A 60 1.35 -17.44 -3.73
C LYS A 60 2.13 -18.77 -3.80
N THR A 61 2.92 -18.93 -4.85
CA THR A 61 3.73 -20.13 -5.04
C THR A 61 5.19 -19.68 -4.93
N GLY A 62 5.45 -18.71 -4.04
CA GLY A 62 6.79 -18.15 -3.89
C GLY A 62 7.97 -18.98 -3.40
N GLY A 63 7.67 -19.89 -2.48
CA GLY A 63 8.67 -20.77 -1.90
C GLY A 63 9.30 -20.39 -0.56
N ASP A 64 9.59 -19.12 -0.37
CA ASP A 64 10.25 -18.79 0.89
C ASP A 64 9.38 -17.83 1.68
N THR A 65 8.10 -18.14 1.82
CA THR A 65 7.21 -17.23 2.52
C THR A 65 6.32 -17.97 3.50
N ALA A 66 5.92 -17.29 4.56
CA ALA A 66 5.05 -17.91 5.54
C ALA A 66 3.62 -17.42 5.34
N ALA A 67 3.40 -16.63 4.30
CA ALA A 67 2.06 -16.16 4.00
C ALA A 67 1.21 -17.34 3.55
N LEU A 68 0.01 -17.47 4.13
CA LEU A 68 -0.87 -18.58 3.77
C LEU A 68 -1.73 -18.27 2.55
N PRO A 69 -2.08 -19.31 1.77
CA PRO A 69 -2.90 -19.03 0.58
C PRO A 69 -4.26 -18.42 0.91
N LYS A 70 -4.72 -18.61 2.14
CA LYS A 70 -6.01 -18.09 2.59
C LYS A 70 -6.12 -16.60 2.31
N ILE A 71 -4.99 -15.92 2.33
CA ILE A 71 -4.95 -14.50 2.06
C ILE A 71 -5.70 -14.12 0.79
N PHE A 72 -5.50 -14.89 -0.27
CA PHE A 72 -6.14 -14.54 -1.53
C PHE A 72 -7.61 -14.88 -1.67
N GLU A 73 -8.15 -15.55 -0.67
CA GLU A 73 -9.55 -15.90 -0.65
C GLU A 73 -10.30 -14.97 0.27
N ASP A 74 -9.57 -14.09 0.95
CA ASP A 74 -10.18 -13.14 1.87
C ASP A 74 -9.31 -11.89 1.84
N LYS A 75 -8.95 -11.45 0.63
CA LYS A 75 -8.03 -10.33 0.51
C LYS A 75 -8.51 -9.02 1.09
N ALA A 76 -9.79 -8.71 0.96
CA ALA A 76 -10.31 -7.44 1.50
C ALA A 76 -10.13 -7.42 3.02
N LYS A 77 -10.44 -8.54 3.66
CA LYS A 77 -10.27 -8.65 5.10
C LYS A 77 -8.81 -8.52 5.49
N PHE A 78 -7.92 -9.19 4.75
CA PHE A 78 -6.49 -9.14 5.03
C PHE A 78 -6.00 -7.69 4.91
N ASP A 79 -6.31 -7.02 3.77
CA ASP A 79 -5.90 -5.62 3.55
C ASP A 79 -6.39 -4.70 4.67
N ASP A 80 -7.64 -4.88 5.05
CA ASP A 80 -8.23 -4.05 6.09
C ASP A 80 -7.65 -4.25 7.50
N LEU A 81 -7.05 -5.41 7.76
CA LEU A 81 -6.47 -5.67 9.06
C LEU A 81 -5.18 -4.84 9.12
N PHE A 82 -4.52 -4.64 7.97
CA PHE A 82 -3.33 -3.81 8.04
C PHE A 82 -3.80 -2.36 8.25
N ALA A 83 -4.92 -2.01 7.62
CA ALA A 83 -5.42 -0.63 7.78
C ALA A 83 -5.83 -0.43 9.24
N LYS A 84 -6.36 -1.49 9.84
CA LYS A 84 -6.75 -1.43 11.26
C LYS A 84 -5.52 -1.21 12.14
N LEU A 85 -4.43 -1.93 11.86
CA LEU A 85 -3.25 -1.74 12.65
C LEU A 85 -2.66 -0.36 12.44
N ALA A 86 -2.72 0.15 11.20
CA ALA A 86 -2.17 1.46 10.93
C ALA A 86 -2.96 2.48 11.71
N ALA A 87 -4.28 2.36 11.70
CA ALA A 87 -5.10 3.31 12.44
C ALA A 87 -4.93 3.17 13.98
N ALA A 88 -4.70 1.96 14.46
CA ALA A 88 -4.50 1.76 15.91
C ALA A 88 -3.18 2.41 16.35
N ALA A 89 -2.10 2.20 15.58
CA ALA A 89 -0.85 2.77 15.96
C ALA A 89 -0.90 4.26 15.85
N THR A 90 -1.59 4.76 14.84
CA THR A 90 -1.70 6.20 14.70
C THR A 90 -2.49 6.80 15.85
N ALA A 91 -3.56 6.13 16.27
CA ALA A 91 -4.33 6.67 17.39
C ALA A 91 -3.49 6.58 18.70
N ALA A 92 -2.69 5.53 18.82
CA ALA A 92 -1.85 5.37 20.01
C ALA A 92 -0.77 6.45 20.14
N GLN A 93 -0.39 7.11 19.04
CA GLN A 93 0.61 8.19 19.15
C GLN A 93 -0.05 9.31 19.90
N GLY A 94 -1.37 9.41 19.77
CA GLY A 94 -2.09 10.45 20.47
C GLY A 94 -2.50 10.02 21.88
N THR A 95 -2.79 8.73 22.07
CA THR A 95 -3.24 8.28 23.39
C THR A 95 -2.16 7.81 24.36
N ILE A 96 -1.00 7.39 23.84
CA ILE A 96 0.07 6.95 24.75
C ILE A 96 1.07 8.08 25.02
N LYS A 97 0.93 8.70 26.19
CA LYS A 97 1.73 9.86 26.55
C LYS A 97 2.61 9.69 27.80
N ASP A 98 2.43 8.57 28.49
CA ASP A 98 3.19 8.26 29.69
C ASP A 98 3.14 6.78 29.92
N GLU A 99 3.84 6.28 30.95
CA GLU A 99 3.88 4.84 31.22
C GLU A 99 2.54 4.25 31.54
N ALA A 100 1.73 5.01 32.28
CA ALA A 100 0.44 4.52 32.61
C ALA A 100 -0.44 4.30 31.36
N SER A 101 -0.42 5.25 30.42
CA SER A 101 -1.24 5.12 29.20
C SER A 101 -0.64 4.05 28.26
N LEU A 102 0.68 3.88 28.29
CA LEU A 102 1.27 2.76 27.53
C LEU A 102 0.66 1.42 28.08
N LYS A 103 0.64 1.23 29.41
CA LYS A 103 0.05 0.01 29.96
C LYS A 103 -1.47 -0.13 29.68
N ALA A 104 -2.19 0.97 29.66
CA ALA A 104 -3.62 0.85 29.42
C ALA A 104 -3.98 0.69 27.95
N ASN A 105 -3.22 1.33 27.07
CA ASN A 105 -3.56 1.37 25.65
C ASN A 105 -2.80 0.56 24.60
N ILE A 106 -1.66 0.02 24.97
CA ILE A 106 -0.86 -0.69 23.99
C ILE A 106 -1.52 -1.97 23.48
N GLY A 107 -2.31 -2.64 24.33
CA GLY A 107 -2.97 -3.87 23.90
C GLY A 107 -3.79 -3.77 22.62
N GLY A 108 -4.48 -2.64 22.45
CA GLY A 108 -5.29 -2.45 21.25
C GLY A 108 -4.45 -2.48 19.97
N VAL A 109 -3.22 -2.03 20.09
CA VAL A 109 -2.32 -2.01 18.96
C VAL A 109 -1.79 -3.41 18.67
N LEU A 110 -1.11 -3.97 19.67
CA LEU A 110 -0.49 -5.27 19.53
C LEU A 110 -1.41 -6.45 19.29
N GLY A 111 -2.68 -6.34 19.67
CA GLY A 111 -3.58 -7.47 19.43
C GLY A 111 -3.81 -7.76 17.94
N ASN A 112 -3.57 -6.75 17.12
CA ASN A 112 -3.75 -6.87 15.69
C ASN A 112 -2.70 -7.82 15.11
N CYS A 113 -1.53 -7.92 15.74
CA CYS A 113 -0.48 -8.81 15.21
C CYS A 113 -1.00 -10.25 15.22
N LYS A 114 -1.38 -10.75 16.40
CA LYS A 114 -1.91 -12.12 16.51
C LYS A 114 -3.17 -12.38 15.66
N SER A 115 -4.07 -11.39 15.63
CA SER A 115 -5.31 -11.54 14.87
C SER A 115 -5.07 -11.89 13.43
N CYS A 116 -4.04 -11.28 12.82
CA CYS A 116 -3.79 -11.57 11.45
C CYS A 116 -2.98 -12.87 11.36
N HIS A 117 -1.99 -13.02 12.23
CA HIS A 117 -1.16 -14.23 12.19
C HIS A 117 -2.00 -15.49 12.33
N ASP A 118 -3.00 -15.50 13.20
CA ASP A 118 -3.78 -16.71 13.33
C ASP A 118 -4.51 -17.16 12.08
N ASP A 119 -4.84 -16.23 11.16
CA ASP A 119 -5.51 -16.61 9.94
C ASP A 119 -4.65 -16.66 8.70
N PHE A 120 -3.59 -15.87 8.67
CA PHE A 120 -2.84 -15.72 7.42
C PHE A 120 -1.33 -15.97 7.43
N ARG A 121 -0.79 -16.44 8.57
CA ARG A 121 0.64 -16.72 8.70
C ARG A 121 0.87 -18.16 9.12
N ALA A 122 1.85 -18.82 8.52
CA ALA A 122 2.14 -20.19 8.93
C ALA A 122 2.62 -20.24 10.39
N LYS A 123 2.25 -21.33 11.08
CA LYS A 123 2.57 -21.57 12.49
C LYS A 123 3.70 -22.56 12.72
N ALA B 1 -7.28 13.23 10.69
CA ALA B 1 -6.76 13.35 9.30
C ALA B 1 -7.90 13.25 8.29
N THR B 2 -7.56 13.29 7.00
CA THR B 2 -8.58 13.21 5.96
C THR B 2 -8.98 11.78 5.60
N ASP B 3 -10.24 11.64 5.23
CA ASP B 3 -10.91 10.41 4.85
C ASP B 3 -10.14 9.60 3.75
N VAL B 4 -10.35 8.27 3.71
CA VAL B 4 -9.67 7.45 2.69
C VAL B 4 -10.09 7.80 1.29
N ILE B 5 -11.38 8.11 1.10
CA ILE B 5 -11.88 8.50 -0.20
C ILE B 5 -11.19 9.77 -0.70
N ALA B 6 -11.07 10.76 0.18
CA ALA B 6 -10.44 12.00 -0.23
C ALA B 6 -8.97 11.77 -0.50
N GLN B 7 -8.34 10.98 0.35
CA GLN B 7 -6.92 10.67 0.17
C GLN B 7 -6.66 10.01 -1.19
N ARG B 8 -7.47 8.99 -1.52
CA ARG B 8 -7.25 8.26 -2.77
C ARG B 8 -7.62 9.09 -4.00
N LYS B 9 -8.64 9.92 -3.89
CA LYS B 9 -8.97 10.73 -5.05
C LYS B 9 -7.87 11.72 -5.30
N ALA B 10 -7.25 12.20 -4.22
CA ALA B 10 -6.16 13.15 -4.35
C ALA B 10 -5.00 12.51 -5.10
N ILE B 11 -4.73 11.24 -4.78
CA ILE B 11 -3.64 10.50 -5.42
C ILE B 11 -4.01 10.14 -6.85
N LEU B 12 -5.23 9.67 -7.05
CA LEU B 12 -5.66 9.31 -8.39
C LEU B 12 -5.70 10.58 -9.27
N LYS B 13 -6.11 11.71 -8.71
CA LYS B 13 -6.11 12.92 -9.52
C LYS B 13 -4.68 13.27 -9.97
N GLN B 14 -3.70 13.07 -9.08
CA GLN B 14 -2.30 13.34 -9.42
C GLN B 14 -1.82 12.38 -10.53
N MET B 15 -2.30 11.14 -10.47
CA MET B 15 -1.95 10.12 -11.48
C MET B 15 -2.49 10.56 -12.84
N GLY B 16 -3.69 11.12 -12.86
CA GLY B 16 -4.21 11.63 -14.12
C GLY B 16 -3.42 12.84 -14.65
N GLU B 17 -2.93 13.71 -13.76
CA GLU B 17 -2.14 14.85 -14.19
C GLU B 17 -0.78 14.38 -14.68
N ALA B 18 -0.24 13.32 -14.10
CA ALA B 18 1.05 12.84 -14.57
C ALA B 18 0.91 12.27 -15.98
N THR B 19 -0.25 11.72 -16.27
CA THR B 19 -0.47 11.09 -17.56
C THR B 19 -0.69 12.12 -18.69
N LYS B 20 -1.20 13.29 -18.37
CA LYS B 20 -1.47 14.25 -19.45
C LYS B 20 -0.29 14.56 -20.39
N PRO B 21 0.88 14.89 -19.85
CA PRO B 21 1.99 15.18 -20.76
C PRO B 21 2.39 14.01 -21.64
N ILE B 22 2.22 12.80 -21.12
CA ILE B 22 2.58 11.63 -21.92
C ILE B 22 1.60 11.50 -23.06
N ALA B 23 0.31 11.69 -22.76
CA ALA B 23 -0.70 11.58 -23.78
C ALA B 23 -0.45 12.64 -24.85
N ALA B 24 -0.02 13.83 -24.43
CA ALA B 24 0.24 14.87 -25.41
C ALA B 24 1.39 14.55 -26.37
N MET B 25 2.41 13.85 -25.88
CA MET B 25 3.55 13.46 -26.70
C MET B 25 3.13 12.41 -27.73
N LEU B 26 2.32 11.46 -27.29
CA LEU B 26 1.84 10.41 -28.17
C LEU B 26 0.99 10.96 -29.32
N LYS B 27 0.22 12.00 -29.05
CA LYS B 27 -0.63 12.61 -30.07
C LYS B 27 0.11 13.69 -30.85
N GLY B 28 1.41 13.87 -30.55
CA GLY B 28 2.23 14.85 -31.25
C GLY B 28 1.94 16.31 -30.94
N GLU B 29 1.13 16.54 -29.91
CA GLU B 29 0.76 17.88 -29.48
C GLU B 29 1.89 18.50 -28.66
N ALA B 30 2.80 17.66 -28.16
CA ALA B 30 3.89 18.20 -27.36
C ALA B 30 5.19 17.49 -27.74
N LYS B 31 6.31 18.19 -27.65
CA LYS B 31 7.59 17.59 -28.00
C LYS B 31 8.03 16.55 -27.00
N TRP B 32 8.65 15.48 -27.48
CA TRP B 32 9.21 14.44 -26.63
C TRP B 32 10.15 15.08 -25.61
N ASP B 33 10.12 14.55 -24.39
CA ASP B 33 10.94 15.06 -23.31
C ASP B 33 11.15 13.96 -22.29
N GLN B 34 12.37 13.40 -22.26
CA GLN B 34 12.74 12.32 -21.35
C GLN B 34 12.52 12.66 -19.89
N ALA B 35 12.94 13.85 -19.50
CA ALA B 35 12.80 14.24 -18.12
C ALA B 35 11.33 14.28 -17.70
N VAL B 36 10.47 14.81 -18.57
CA VAL B 36 9.03 14.88 -18.22
C VAL B 36 8.41 13.50 -18.10
N VAL B 37 8.70 12.63 -19.08
CA VAL B 37 8.16 11.28 -19.05
C VAL B 37 8.67 10.50 -17.82
N GLN B 38 9.94 10.67 -17.47
CA GLN B 38 10.48 9.95 -16.32
C GLN B 38 9.82 10.44 -15.04
N LYS B 39 9.52 11.73 -14.95
CA LYS B 39 8.89 12.25 -13.76
C LYS B 39 7.47 11.72 -13.63
N SER B 40 6.76 11.67 -14.76
CA SER B 40 5.39 11.15 -14.77
C SER B 40 5.38 9.67 -14.40
N LEU B 41 6.33 8.90 -14.93
CA LEU B 41 6.36 7.49 -14.62
C LEU B 41 6.67 7.27 -13.16
N ALA B 42 7.54 8.09 -12.56
CA ALA B 42 7.87 7.90 -11.14
C ALA B 42 6.66 8.19 -10.26
N ALA B 43 5.90 9.20 -10.65
CA ALA B 43 4.72 9.57 -9.89
C ALA B 43 3.68 8.48 -9.93
N ILE B 44 3.49 7.90 -11.12
CA ILE B 44 2.54 6.80 -11.32
C ILE B 44 3.01 5.58 -10.51
N ALA B 45 4.29 5.28 -10.50
CA ALA B 45 4.74 4.14 -9.73
C ALA B 45 4.53 4.37 -8.23
N ASP B 46 4.88 5.56 -7.74
CA ASP B 46 4.73 5.84 -6.30
C ASP B 46 3.27 5.82 -5.85
N ASP B 47 2.40 6.46 -6.64
CA ASP B 47 0.98 6.51 -6.36
C ASP B 47 0.37 5.12 -6.34
N SER B 48 0.79 4.25 -7.27
CA SER B 48 0.29 2.91 -7.30
C SER B 48 0.73 2.03 -6.12
N LYS B 49 1.79 2.41 -5.42
CA LYS B 49 2.25 1.64 -4.25
C LYS B 49 1.50 2.11 -3.01
N LYS B 50 0.94 3.31 -3.09
CA LYS B 50 0.18 3.89 -1.96
C LYS B 50 -1.31 3.52 -1.97
N LEU B 51 -1.91 3.54 -3.17
CA LEU B 51 -3.33 3.26 -3.32
C LEU B 51 -3.87 1.95 -2.75
N PRO B 52 -3.08 0.87 -2.76
CA PRO B 52 -3.61 -0.39 -2.22
C PRO B 52 -4.12 -0.36 -0.75
N ALA B 53 -3.64 0.57 0.03
CA ALA B 53 -4.04 0.62 1.44
C ALA B 53 -5.24 1.53 1.65
N LEU B 54 -5.81 2.05 0.57
CA LEU B 54 -6.92 3.02 0.72
C LEU B 54 -8.31 2.68 0.23
N PHE B 55 -8.61 1.40 0.11
CA PHE B 55 -9.91 0.92 -0.37
C PHE B 55 -10.47 -0.10 0.59
N PRO B 56 -10.84 0.34 1.80
CA PRO B 56 -11.41 -0.56 2.81
C PRO B 56 -12.83 -1.01 2.45
N ALA B 57 -13.19 -2.21 2.86
CA ALA B 57 -14.48 -2.77 2.57
C ALA B 57 -15.61 -2.01 3.28
N ASP B 58 -15.29 -1.36 4.40
CA ASP B 58 -16.31 -0.60 5.15
C ASP B 58 -16.65 0.76 4.54
N SER B 59 -16.21 0.99 3.31
CA SER B 59 -16.50 2.25 2.61
C SER B 59 -17.07 1.88 1.24
N LYS B 60 -18.11 1.06 1.29
CA LYS B 60 -18.85 0.61 0.11
C LYS B 60 -19.55 1.84 -0.45
N THR B 61 -19.84 2.78 0.44
CA THR B 61 -20.53 4.03 0.12
C THR B 61 -20.09 5.13 1.11
N GLY B 62 -19.74 6.30 0.59
CA GLY B 62 -19.31 7.40 1.46
C GLY B 62 -19.87 8.74 1.02
N GLY B 63 -18.97 9.71 0.82
CA GLY B 63 -19.39 11.04 0.39
C GLY B 63 -19.28 11.12 -1.13
N ASP B 64 -18.19 10.59 -1.64
CA ASP B 64 -17.93 10.59 -3.06
C ASP B 64 -18.00 9.17 -3.58
N THR B 65 -16.87 8.77 -4.14
CA THR B 65 -16.60 7.48 -4.73
C THR B 65 -17.40 6.92 -5.89
N ALA B 66 -16.61 6.68 -6.93
CA ALA B 66 -16.98 6.09 -8.19
C ALA B 66 -16.38 4.68 -8.10
N ALA B 67 -15.85 4.34 -6.91
CA ALA B 67 -15.29 3.02 -6.65
C ALA B 67 -16.49 2.04 -6.58
N LEU B 68 -16.46 0.98 -7.36
CA LEU B 68 -17.59 0.04 -7.35
C LEU B 68 -17.51 -1.06 -6.31
N PRO B 69 -18.69 -1.55 -5.85
CA PRO B 69 -18.76 -2.61 -4.85
C PRO B 69 -18.00 -3.88 -5.24
N LYS B 70 -17.91 -4.14 -6.53
CA LYS B 70 -17.21 -5.31 -7.11
C LYS B 70 -15.75 -5.44 -6.65
N ILE B 71 -15.15 -4.31 -6.26
CA ILE B 71 -13.77 -4.28 -5.81
C ILE B 71 -13.57 -5.24 -4.64
N PHE B 72 -14.54 -5.26 -3.74
CA PHE B 72 -14.43 -6.10 -2.56
C PHE B 72 -14.74 -7.57 -2.75
N GLU B 73 -15.21 -7.90 -3.94
CA GLU B 73 -15.51 -9.27 -4.32
C GLU B 73 -14.35 -9.84 -5.13
N ASP B 74 -13.41 -8.96 -5.50
CA ASP B 74 -12.25 -9.37 -6.27
C ASP B 74 -11.05 -8.50 -5.88
N LYS B 75 -10.84 -8.31 -4.58
CA LYS B 75 -9.76 -7.47 -4.06
C LYS B 75 -8.35 -7.87 -4.49
N ALA B 76 -8.04 -9.16 -4.55
CA ALA B 76 -6.69 -9.57 -4.96
C ALA B 76 -6.44 -9.09 -6.37
N LYS B 77 -7.43 -9.26 -7.25
CA LYS B 77 -7.30 -8.85 -8.63
C LYS B 77 -7.11 -7.34 -8.73
N PHE B 78 -7.90 -6.59 -7.95
CA PHE B 78 -7.86 -5.13 -7.90
C PHE B 78 -6.48 -4.69 -7.38
N ASP B 79 -6.06 -5.23 -6.23
CA ASP B 79 -4.78 -4.83 -5.66
C ASP B 79 -3.68 -5.12 -6.65
N ASP B 80 -3.75 -6.26 -7.30
CA ASP B 80 -2.67 -6.66 -8.21
C ASP B 80 -2.57 -5.78 -9.46
N LEU B 81 -3.66 -5.11 -9.83
CA LEU B 81 -3.63 -4.21 -10.97
C LEU B 81 -2.79 -3.02 -10.60
N PHE B 82 -2.93 -2.52 -9.38
CA PHE B 82 -2.07 -1.41 -9.01
C PHE B 82 -0.59 -1.92 -8.99
N ALA B 83 -0.35 -3.14 -8.52
CA ALA B 83 1.05 -3.62 -8.48
C ALA B 83 1.60 -3.75 -9.90
N LYS B 84 0.77 -4.23 -10.83
CA LYS B 84 1.13 -4.39 -12.24
C LYS B 84 1.50 -3.05 -12.81
N LEU B 85 0.70 -2.01 -12.52
CA LEU B 85 0.98 -0.63 -12.98
C LEU B 85 2.28 -0.10 -12.37
N ALA B 86 2.49 -0.30 -11.06
CA ALA B 86 3.73 0.15 -10.40
C ALA B 86 4.94 -0.51 -11.04
N ALA B 87 4.85 -1.83 -11.18
CA ALA B 87 5.98 -2.56 -11.77
C ALA B 87 6.26 -2.09 -13.20
N ALA B 88 5.21 -1.85 -13.99
CA ALA B 88 5.40 -1.42 -15.36
C ALA B 88 5.98 0.00 -15.46
N ALA B 89 5.49 0.88 -14.61
CA ALA B 89 5.95 2.26 -14.62
C ALA B 89 7.40 2.29 -14.19
N THR B 90 7.75 1.39 -13.27
CA THR B 90 9.13 1.29 -12.80
C THR B 90 10.05 0.71 -13.89
N ALA B 91 9.66 -0.38 -14.53
CA ALA B 91 10.51 -0.95 -15.59
C ALA B 91 10.68 0.05 -16.74
N ALA B 92 9.65 0.87 -17.00
CA ALA B 92 9.70 1.84 -18.07
C ALA B 92 10.83 2.88 -17.91
N GLN B 93 11.39 2.98 -16.69
CA GLN B 93 12.50 3.89 -16.45
C GLN B 93 13.70 3.54 -17.32
N GLY B 94 13.82 2.27 -17.68
CA GLY B 94 14.94 1.86 -18.49
C GLY B 94 14.58 1.65 -19.94
N THR B 95 13.36 1.19 -20.21
CA THR B 95 12.96 0.94 -21.59
C THR B 95 12.45 2.16 -22.35
N ILE B 96 11.79 3.10 -21.68
CA ILE B 96 11.35 4.29 -22.39
C ILE B 96 12.42 5.37 -22.31
N LYS B 97 13.14 5.54 -23.43
CA LYS B 97 14.23 6.49 -23.51
C LYS B 97 14.27 7.44 -24.73
N ASP B 98 13.28 7.32 -25.62
CA ASP B 98 13.14 8.20 -26.78
C ASP B 98 11.71 8.09 -27.24
N GLU B 99 11.30 8.91 -28.23
CA GLU B 99 9.92 8.86 -28.71
C GLU B 99 9.48 7.46 -29.16
N ALA B 100 10.37 6.73 -29.84
CA ALA B 100 10.02 5.41 -30.30
C ALA B 100 9.80 4.39 -29.20
N SER B 101 10.64 4.40 -28.18
CA SER B 101 10.47 3.44 -27.10
C SER B 101 9.27 3.85 -26.28
N LEU B 102 8.92 5.13 -26.30
CA LEU B 102 7.69 5.54 -25.61
C LEU B 102 6.51 4.85 -26.30
N LYS B 103 6.44 4.95 -27.63
CA LYS B 103 5.34 4.33 -28.33
C LYS B 103 5.38 2.81 -28.20
N ALA B 104 6.58 2.25 -28.11
CA ALA B 104 6.69 0.80 -27.99
C ALA B 104 6.30 0.21 -26.62
N ASN B 105 6.51 0.99 -25.55
CA ASN B 105 6.27 0.44 -24.23
C ASN B 105 5.23 1.10 -23.36
N ILE B 106 4.66 2.20 -23.80
CA ILE B 106 3.72 2.89 -22.91
C ILE B 106 2.43 2.10 -22.70
N GLY B 107 2.09 1.24 -23.67
CA GLY B 107 0.90 0.42 -23.58
C GLY B 107 0.85 -0.51 -22.38
N GLY B 108 1.98 -1.12 -22.05
CA GLY B 108 2.06 -1.99 -20.90
C GLY B 108 1.93 -1.22 -19.60
N VAL B 109 1.99 0.11 -19.66
CA VAL B 109 1.85 0.95 -18.46
C VAL B 109 0.42 1.47 -18.40
N LEU B 110 0.01 2.27 -19.38
CA LEU B 110 -1.34 2.86 -19.33
C LEU B 110 -2.54 1.94 -19.58
N GLY B 111 -2.32 0.79 -20.19
CA GLY B 111 -3.44 -0.13 -20.39
C GLY B 111 -4.02 -0.56 -19.04
N ASN B 112 -3.21 -0.51 -18.00
CA ASN B 112 -3.67 -0.90 -16.69
C ASN B 112 -4.73 0.06 -16.16
N CYS B 113 -4.65 1.33 -16.58
CA CYS B 113 -5.62 2.30 -16.08
C CYS B 113 -6.99 1.87 -16.56
N LYS B 114 -7.07 1.50 -17.83
CA LYS B 114 -8.32 1.10 -18.45
C LYS B 114 -8.83 -0.23 -17.93
N SER B 115 -7.92 -1.19 -17.78
CA SER B 115 -8.36 -2.49 -17.28
C SER B 115 -9.06 -2.31 -15.94
N CYS B 116 -8.52 -1.47 -15.07
CA CYS B 116 -9.13 -1.30 -13.76
C CYS B 116 -10.43 -0.52 -13.82
N HIS B 117 -10.43 0.58 -14.55
CA HIS B 117 -11.62 1.40 -14.63
C HIS B 117 -12.80 0.60 -15.19
N ASP B 118 -12.53 -0.25 -16.17
CA ASP B 118 -13.58 -1.07 -16.77
C ASP B 118 -14.37 -1.88 -15.73
N ASP B 119 -13.66 -2.61 -14.87
CA ASP B 119 -14.36 -3.41 -13.87
C ASP B 119 -14.66 -2.79 -12.53
N PHE B 120 -13.82 -1.87 -12.09
CA PHE B 120 -13.96 -1.36 -10.75
C PHE B 120 -14.32 0.10 -10.54
N ARG B 121 -14.47 0.87 -11.61
CA ARG B 121 -14.82 2.27 -11.43
C ARG B 121 -16.10 2.60 -12.16
N ALA B 122 -16.87 3.49 -11.55
CA ALA B 122 -18.13 3.95 -12.14
C ALA B 122 -17.85 4.82 -13.36
N LYS B 123 -18.67 4.66 -14.39
CA LYS B 123 -18.57 5.45 -15.62
C LYS B 123 -19.22 6.81 -15.40
FE HEC C . 3.19 -10.11 10.95
CHA HEC C . 5.41 -12.03 9.29
CHB HEC C . 5.65 -9.19 13.15
CHC HEC C . 1.23 -7.62 12.15
CHD HEC C . 0.77 -10.67 8.43
NA HEC C . 5.19 -10.54 11.19
C1A HEC C . 5.89 -11.37 10.36
C2A HEC C . 7.23 -11.44 10.83
C3A HEC C . 7.34 -10.65 11.98
C4A HEC C . 6.02 -10.09 12.17
CMA HEC C . 8.45 -10.35 12.94
CAA HEC C . 8.32 -12.31 10.24
CBA HEC C . 9.06 -11.55 9.16
CGA HEC C . 10.30 -12.30 8.67
O1A HEC C . 11.40 -11.94 9.11
O2A HEC C . 10.15 -13.24 7.87
NB HEC C . 3.39 -8.76 12.33
C1B HEC C . 4.41 -8.57 13.25
C2B HEC C . 4.07 -7.60 14.31
C3B HEC C . 2.83 -7.17 14.03
C4B HEC C . 2.42 -7.86 12.78
CMB HEC C . 5.03 -7.25 15.50
CAB HEC C . 2.01 -6.22 14.79
CBB HEC C . 2.47 -4.97 15.22
NC HEC C . 1.45 -9.27 10.36
C1C HEC C . 0.75 -8.25 11.00
C2C HEC C . -0.52 -8.03 10.41
C3C HEC C . -0.71 -8.90 9.37
C4C HEC C . 0.57 -9.68 9.36
CMC HEC C . -1.63 -7.10 11.00
CAC HEC C . -1.83 -9.17 8.48
CBC HEC C . -2.81 -8.11 8.27
ND HEC C . 3.04 -11.14 9.20
C1D HEC C . 2.00 -11.39 8.36
C2D HEC C . 2.35 -12.41 7.34
C3D HEC C . 3.64 -12.76 7.61
C4D HEC C . 4.10 -11.97 8.76
CMD HEC C . 1.44 -12.68 6.11
CAD HEC C . 4.50 -13.79 6.72
CBD HEC C . 5.27 -12.87 5.72
CGD HEC C . 5.96 -13.72 4.66
O1D HEC C . 6.56 -14.71 5.10
O2D HEC C . 5.88 -13.40 3.46
FE HEC D . -7.96 5.34 -11.78
CHA HEC D . -10.32 7.23 -10.22
CHB HEC D . -6.67 8.23 -13.25
CHC HEC D . -5.28 3.70 -12.68
CHD HEC D . -9.04 2.63 -9.75
NA HEC D . -8.38 7.22 -11.73
C1A HEC D . -9.43 7.85 -11.06
C2A HEC D . -9.49 9.28 -11.31
C3A HEC D . -8.46 9.55 -12.16
C4A HEC D . -7.80 8.33 -12.41
CMA HEC D . -8.06 10.89 -12.81
CAA HEC D . -10.45 10.38 -10.77
CBA HEC D . -9.98 10.75 -9.37
CGA HEC D . -10.71 11.95 -8.80
O1A HEC D . -10.33 13.10 -9.10
O2A HEC D . -11.68 11.72 -8.06
NB HEC D . -6.31 5.92 -12.83
C1B HEC D . -5.99 7.07 -13.47
C2B HEC D . -4.80 6.92 -14.38
C3B HEC D . -4.40 5.61 -14.20
C4B HEC D . -5.35 5.00 -13.20
CMB HEC D . -4.30 8.05 -15.28
CAB HEC D . -3.26 4.99 -14.77
CBB HEC D . -2.03 5.66 -14.93
NC HEC D . -7.19 3.58 -11.11
C1C HEC D . -6.10 3.04 -11.75
C2C HEC D . -6.01 1.62 -11.46
C3C HEC D . -7.09 1.29 -10.66
C4C HEC D . -7.79 2.51 -10.46
CMC HEC D . -4.89 0.60 -11.86
CAC HEC D . -7.45 0.04 -10.09
CBC HEC D . -6.54 -0.99 -9.68
ND HEC D . -9.43 5.00 -10.36
C1D HEC D . -9.74 3.86 -9.73
C2D HEC D . -10.89 4.07 -8.83
C3D HEC D . -11.20 5.39 -8.96
C4D HEC D . -10.30 5.94 -9.90
CMD HEC D . -11.48 2.91 -8.03
CAD HEC D . -12.31 6.11 -8.19
CBD HEC D . -11.84 6.73 -6.96
CGD HEC D . -12.98 7.14 -6.04
O1D HEC D . -13.95 7.74 -6.53
O2D HEC D . -12.90 6.87 -4.83
#